data_5K41
#
_entry.id   5K41
#
_cell.length_a   127.412
_cell.length_b   127.412
_cell.length_c   205.620
_cell.angle_alpha   90.000
_cell.angle_beta   90.000
_cell.angle_gamma   90.000
#
_symmetry.space_group_name_H-M   'I 41 2 2'
#
loop_
_entity.id
_entity.type
_entity.pdbx_description
1 polymer 'Alpha,alpha-trehalose-phosphate synthase'
2 non-polymer "ADENOSINE-5'-DIPHOSPHATE-GLUCOSE"
3 non-polymer '2-[N-CYCLOHEXYLAMINO]ETHANE SULFONIC ACID'
4 non-polymer 1,2-ETHANEDIOL
5 water water
#
_entity_poly.entity_id   1
_entity_poly.type   'polypeptide(L)'
_entity_poly.pdbx_seq_one_letter_code
;SMADRGDSGDSDFVVVANRLPIDLERAPDGTTSWKRSPGGLVTALEPLLRRRRGAWIGWPGIPDSDEDPIVDGDLVLYPV
RLSADDVAQYYEGFSNATLWPLYHDVIVKPIYNRQWWERYVEVNRRFAEATSRAAARGATVWVQDYQLQLVPKMLRELRP
DLTIGFFLHIPFPPVELFMQLPWRTEITDGLLGADLVGFHLPGGAQNFLFLARRLVGANTSRASVGVRSKFGEVQIGSRT
VKVGAFPISIDSADLDRQARQRSIRQRARQIRAELGNPRRILLGVDRLDYTKGIDVRLQAFAELLAEGRVNREDTVFVQL
ATPSRERVEAYRLLRDDIERQVGHINGEYGEVGHPVVHYLHRPVPREELIAFFVAADVMLVTPLRDGMNLVAKEYVACRS
DLGGALVLSEFTGAAAELGQAYLVNPHNLDHVKDTMVAALNQTPEEGRRRMRALRRQVLAHDVDLWARSFLDALASTRTG
DADAVPV
;
_entity_poly.pdbx_strand_id   A
#
loop_
_chem_comp.id
_chem_comp.type
_chem_comp.name
_chem_comp.formula
ADQ non-polymer ADENOSINE-5'-DIPHOSPHATE-GLUCOSE 'C16 H25 N5 O15 P2'
EDO non-polymer 1,2-ETHANEDIOL 'C2 H6 O2'
NHE non-polymer '2-[N-CYCLOHEXYLAMINO]ETHANE SULFONIC ACID' 'C8 H17 N O3 S'
#
# COMPACT_ATOMS: atom_id res chain seq x y z
N SER A 8 -11.67 29.39 13.79
CA SER A 8 -12.16 28.02 13.84
C SER A 8 -11.51 27.19 12.73
N GLY A 9 -10.56 27.81 12.03
CA GLY A 9 -9.89 27.16 10.91
C GLY A 9 -10.62 27.51 9.63
N ASP A 10 -9.88 27.85 8.60
CA ASP A 10 -10.48 28.30 7.37
C ASP A 10 -10.19 27.35 6.22
N SER A 11 -10.19 26.05 6.50
CA SER A 11 -9.98 25.05 5.46
C SER A 11 -11.27 24.30 5.17
N ASP A 12 -11.67 24.24 3.91
CA ASP A 12 -12.91 23.57 3.55
C ASP A 12 -12.65 22.16 3.01
N PHE A 13 -11.38 21.78 2.95
CA PHE A 13 -11.00 20.41 2.61
C PHE A 13 -9.75 19.99 3.38
N VAL A 14 -9.87 18.91 4.14
CA VAL A 14 -8.82 18.53 5.08
C VAL A 14 -8.44 17.07 4.95
N VAL A 15 -7.13 16.82 4.80
CA VAL A 15 -6.63 15.46 4.77
C VAL A 15 -5.99 15.12 6.12
N VAL A 16 -6.36 13.97 6.68
CA VAL A 16 -5.79 13.50 7.93
C VAL A 16 -5.05 12.19 7.72
N ALA A 17 -3.74 12.19 8.00
CA ALA A 17 -2.91 11.01 7.78
C ALA A 17 -1.84 10.95 8.85
N ASN A 18 -1.33 9.76 9.15
CA ASN A 18 -0.32 9.61 10.19
C ASN A 18 0.88 10.56 10.01
N ARG A 19 1.30 10.77 8.77
CA ARG A 19 2.42 11.66 8.48
C ARG A 19 2.02 12.88 7.65
N LEU A 20 2.67 14.00 7.89
CA LEU A 20 2.53 15.15 7.01
C LEU A 20 3.21 14.77 5.70
N PRO A 21 2.82 15.40 4.58
CA PRO A 21 3.44 15.05 3.30
C PRO A 21 4.76 15.79 3.06
N ILE A 22 5.71 15.66 3.98
CA ILE A 22 6.99 16.34 3.87
C ILE A 22 8.17 15.41 4.13
N ASP A 23 9.36 15.82 3.72
CA ASP A 23 10.58 15.07 4.02
C ASP A 23 11.51 15.92 4.85
N LEU A 24 12.22 15.30 5.80
CA LEU A 24 13.12 16.04 6.68
C LEU A 24 14.58 15.87 6.27
N SER A 33 15.97 21.78 5.99
CA SER A 33 14.97 21.52 7.03
C SER A 33 13.93 20.52 6.56
N TRP A 34 13.01 20.98 5.71
CA TRP A 34 11.97 20.11 5.16
C TRP A 34 11.45 20.61 3.81
N LYS A 35 10.96 19.68 2.99
CA LYS A 35 10.32 20.00 1.72
C LYS A 35 9.22 18.99 1.44
N ARG A 36 8.27 19.36 0.57
CA ARG A 36 7.16 18.48 0.21
C ARG A 36 7.66 17.17 -0.39
N SER A 37 7.04 16.06 0.03
CA SER A 37 7.34 14.77 -0.58
C SER A 37 6.82 14.74 -2.01
N PRO A 38 7.62 14.21 -2.94
CA PRO A 38 7.17 14.07 -4.33
C PRO A 38 6.11 12.98 -4.46
N GLY A 39 5.32 13.06 -5.53
CA GLY A 39 4.30 12.05 -5.81
C GLY A 39 3.29 11.86 -4.69
N GLY A 40 2.82 10.63 -4.54
CA GLY A 40 1.88 10.27 -3.49
C GLY A 40 0.52 10.93 -3.61
N LEU A 41 -0.23 10.87 -2.53
CA LEU A 41 -1.58 11.42 -2.46
C LEU A 41 -1.58 12.94 -2.62
N VAL A 42 -0.60 13.59 -1.98
CA VAL A 42 -0.52 15.04 -2.00
C VAL A 42 -0.38 15.57 -3.44
N THR A 43 0.25 14.81 -4.32
CA THR A 43 0.35 15.22 -5.72
C THR A 43 -0.96 14.91 -6.43
N ALA A 44 -1.56 13.78 -6.09
CA ALA A 44 -2.84 13.37 -6.66
C ALA A 44 -3.95 14.38 -6.36
N LEU A 45 -3.85 15.05 -5.22
CA LEU A 45 -4.85 16.04 -4.81
C LEU A 45 -4.49 17.48 -5.21
N GLU A 46 -3.44 17.65 -6.01
CA GLU A 46 -2.99 18.98 -6.41
C GLU A 46 -4.07 19.83 -7.10
N PRO A 47 -4.79 19.28 -8.09
CA PRO A 47 -5.77 20.18 -8.73
C PRO A 47 -7.02 20.46 -7.87
N LEU A 48 -7.25 19.65 -6.83
CA LEU A 48 -8.38 19.92 -5.94
C LEU A 48 -8.03 21.04 -4.97
N LEU A 49 -6.77 21.09 -4.56
CA LEU A 49 -6.28 22.14 -3.68
C LEU A 49 -6.23 23.50 -4.39
N ARG A 50 -6.30 23.47 -5.72
CA ARG A 50 -6.30 24.70 -6.50
C ARG A 50 -7.69 25.36 -6.48
N ARG A 51 -8.69 24.62 -6.02
CA ARG A 51 -10.06 25.11 -6.00
C ARG A 51 -10.67 25.07 -4.59
N ARG A 52 -9.90 24.59 -3.62
CA ARG A 52 -10.35 24.56 -2.23
C ARG A 52 -9.27 25.15 -1.32
N ARG A 53 -9.69 25.58 -0.13
CA ARG A 53 -8.75 25.94 0.92
C ARG A 53 -8.37 24.67 1.68
N GLY A 54 -7.22 24.09 1.34
CA GLY A 54 -6.87 22.77 1.85
C GLY A 54 -5.91 22.74 3.02
N ALA A 55 -6.07 21.72 3.87
CA ALA A 55 -5.19 21.52 5.01
C ALA A 55 -4.81 20.06 5.14
N TRP A 56 -3.64 19.81 5.74
CA TRP A 56 -3.18 18.45 5.98
C TRP A 56 -2.77 18.29 7.44
N ILE A 57 -3.36 17.30 8.10
CA ILE A 57 -3.07 17.04 9.50
C ILE A 57 -2.25 15.77 9.65
N GLY A 58 -1.12 15.85 10.35
CA GLY A 58 -0.31 14.68 10.58
C GLY A 58 0.94 14.95 11.40
N TRP A 59 1.60 13.89 11.83
CA TRP A 59 2.86 13.97 12.55
C TRP A 59 3.97 14.38 11.58
N PRO A 60 4.76 15.40 11.95
CA PRO A 60 5.85 15.86 11.07
C PRO A 60 7.04 14.91 11.06
N GLY A 61 7.01 13.86 11.87
CA GLY A 61 8.07 12.87 11.88
C GLY A 61 9.21 13.21 12.82
N ILE A 62 9.09 14.33 13.54
CA ILE A 62 10.02 14.66 14.60
C ILE A 62 9.31 14.62 15.95
N PRO A 63 9.99 14.11 16.99
CA PRO A 63 9.34 13.96 18.30
C PRO A 63 9.22 15.27 19.06
N ASP A 64 8.09 15.46 19.74
CA ASP A 64 7.83 16.64 20.57
C ASP A 64 7.99 17.96 19.80
N SER A 65 7.24 18.11 18.72
CA SER A 65 7.28 19.32 17.92
C SER A 65 6.17 20.30 18.31
N ASP A 66 6.24 21.49 17.73
CA ASP A 66 5.16 22.46 17.88
C ASP A 66 3.94 21.97 17.10
N GLU A 67 2.77 22.55 17.39
CA GLU A 67 1.57 22.25 16.63
C GLU A 67 1.09 23.52 15.92
N ASP A 68 2.02 24.44 15.69
CA ASP A 68 1.72 25.65 14.94
C ASP A 68 1.58 25.32 13.46
N PRO A 69 0.50 25.80 12.82
CA PRO A 69 0.24 25.57 11.40
C PRO A 69 1.36 26.11 10.52
N ILE A 70 1.67 25.40 9.44
CA ILE A 70 2.68 25.84 8.49
C ILE A 70 2.05 26.02 7.12
N VAL A 71 2.18 27.23 6.56
CA VAL A 71 1.60 27.52 5.26
C VAL A 71 2.53 27.10 4.13
N ASP A 72 2.02 26.28 3.22
CA ASP A 72 2.81 25.84 2.05
C ASP A 72 2.30 26.51 0.77
N GLY A 73 1.42 27.49 0.91
CA GLY A 73 0.84 28.20 -0.23
C GLY A 73 -0.31 27.42 -0.83
N ASP A 74 -0.03 26.18 -1.24
CA ASP A 74 -1.04 25.28 -1.78
C ASP A 74 -1.70 24.51 -0.64
N LEU A 75 -1.03 24.49 0.51
CA LEU A 75 -1.49 23.69 1.62
C LEU A 75 -1.15 24.34 2.95
N VAL A 76 -1.99 24.11 3.95
CA VAL A 76 -1.67 24.47 5.33
C VAL A 76 -1.42 23.18 6.10
N LEU A 77 -0.23 23.07 6.69
CA LEU A 77 0.16 21.86 7.40
C LEU A 77 -0.05 22.01 8.89
N TYR A 78 -0.86 21.13 9.47
CA TYR A 78 -1.09 21.15 10.92
C TYR A 78 -0.36 19.99 11.58
N PRO A 79 0.83 20.27 12.13
CA PRO A 79 1.63 19.22 12.78
C PRO A 79 0.98 18.71 14.07
N VAL A 80 0.97 17.39 14.24
CA VAL A 80 0.49 16.77 15.47
C VAL A 80 1.68 16.44 16.36
N ARG A 81 1.65 16.90 17.60
CA ARG A 81 2.74 16.63 18.53
C ARG A 81 2.69 15.19 19.05
N LEU A 82 3.76 14.44 18.81
CA LEU A 82 3.91 13.09 19.33
C LEU A 82 5.28 12.93 19.98
N SER A 83 5.34 12.28 21.13
CA SER A 83 6.62 11.94 21.73
C SER A 83 7.11 10.63 21.15
N ALA A 84 8.39 10.31 21.36
CA ALA A 84 8.95 9.04 20.90
C ALA A 84 8.20 7.86 21.53
N ASP A 85 7.72 8.10 22.75
CA ASP A 85 6.92 7.11 23.47
C ASP A 85 5.53 6.95 22.85
N ASP A 86 4.92 8.07 22.47
CA ASP A 86 3.65 8.02 21.73
C ASP A 86 3.79 7.18 20.46
N VAL A 87 4.86 7.42 19.72
CA VAL A 87 5.11 6.72 18.47
C VAL A 87 5.32 5.23 18.73
N ALA A 88 6.09 4.90 19.76
CA ALA A 88 6.35 3.50 20.10
C ALA A 88 5.07 2.72 20.39
N GLN A 89 4.17 3.30 21.19
CA GLN A 89 3.00 2.55 21.67
C GLN A 89 1.81 2.64 20.69
N TYR A 90 1.56 3.82 20.12
CA TYR A 90 0.50 4.00 19.12
C TYR A 90 0.86 3.43 17.76
N TYR A 91 2.08 3.70 17.30
CA TYR A 91 2.45 3.32 15.93
C TYR A 91 3.20 2.00 15.84
N GLU A 92 4.39 1.92 16.43
CA GLU A 92 5.16 0.68 16.40
C GLU A 92 4.40 -0.41 17.14
N GLY A 93 3.68 -0.01 18.18
CA GLY A 93 2.91 -0.94 18.99
C GLY A 93 1.58 -1.30 18.38
N PHE A 94 0.55 -0.51 18.68
CA PHE A 94 -0.79 -0.88 18.26
C PHE A 94 -0.95 -0.97 16.76
N SER A 95 -0.49 0.05 16.03
CA SER A 95 -0.66 0.05 14.59
C SER A 95 0.10 -1.11 13.94
N ASN A 96 1.41 -1.21 14.19
CA ASN A 96 2.25 -2.13 13.45
C ASN A 96 2.37 -3.55 14.01
N ALA A 97 2.06 -3.72 15.29
CA ALA A 97 2.22 -5.02 15.93
C ALA A 97 0.90 -5.57 16.47
N THR A 98 -0.16 -4.78 16.41
CA THR A 98 -1.50 -5.31 16.70
C THR A 98 -2.33 -5.35 15.41
N LEU A 99 -2.66 -4.18 14.87
CA LEU A 99 -3.56 -4.09 13.71
C LEU A 99 -2.98 -4.66 12.42
N TRP A 100 -1.73 -4.31 12.13
CA TRP A 100 -1.14 -4.70 10.85
C TRP A 100 -1.12 -6.23 10.66
N PRO A 101 -0.57 -7.00 11.64
CA PRO A 101 -0.61 -8.45 11.40
C PRO A 101 -2.03 -9.02 11.38
N LEU A 102 -2.91 -8.49 12.23
CA LEU A 102 -4.29 -8.97 12.29
C LEU A 102 -5.02 -8.75 10.97
N TYR A 103 -4.89 -7.55 10.41
CA TYR A 103 -5.60 -7.24 9.18
C TYR A 103 -5.03 -8.03 8.01
N HIS A 104 -3.74 -8.38 8.08
CA HIS A 104 -3.12 -9.20 7.03
C HIS A 104 -3.14 -10.69 7.39
N ASP A 105 -4.32 -11.19 7.73
CA ASP A 105 -4.53 -12.64 7.89
C ASP A 105 -3.56 -13.31 8.88
N VAL A 106 -3.20 -12.58 9.94
CA VAL A 106 -2.31 -13.06 11.02
C VAL A 106 -1.13 -13.91 10.52
N ILE A 107 -0.45 -13.39 9.49
CA ILE A 107 0.77 -14.01 9.01
C ILE A 107 1.78 -14.10 10.12
N VAL A 108 1.75 -13.06 10.96
CA VAL A 108 2.49 -13.01 12.21
C VAL A 108 1.45 -12.86 13.34
N LYS A 109 1.75 -13.40 14.52
CA LYS A 109 0.80 -13.34 15.65
C LYS A 109 0.64 -11.92 16.19
N PRO A 110 -0.59 -11.39 16.13
CA PRO A 110 -0.81 -10.07 16.74
C PRO A 110 -0.51 -10.07 18.24
N ILE A 111 -0.02 -8.94 18.75
CA ILE A 111 0.15 -8.74 20.17
C ILE A 111 -0.97 -7.85 20.70
N TYR A 112 -1.69 -8.34 21.71
CA TYR A 112 -2.77 -7.57 22.29
C TYR A 112 -2.29 -6.97 23.61
N ASN A 113 -2.20 -5.65 23.62
CA ASN A 113 -1.58 -4.88 24.68
C ASN A 113 -2.46 -3.69 24.98
N ARG A 114 -2.90 -3.57 26.23
CA ARG A 114 -3.85 -2.55 26.62
C ARG A 114 -3.19 -1.17 26.67
N GLN A 115 -1.91 -1.13 27.03
CA GLN A 115 -1.19 0.14 27.05
C GLN A 115 -1.05 0.69 25.62
N TRP A 116 -0.87 -0.20 24.66
CA TRP A 116 -0.80 0.23 23.25
C TRP A 116 -2.14 0.80 22.81
N TRP A 117 -3.22 0.13 23.22
CA TRP A 117 -4.56 0.57 22.87
C TRP A 117 -4.87 1.95 23.44
N GLU A 118 -4.51 2.16 24.69
CA GLU A 118 -4.83 3.41 25.34
C GLU A 118 -4.07 4.58 24.69
N ARG A 119 -2.85 4.33 24.25
CA ARG A 119 -2.07 5.35 23.54
C ARG A 119 -2.63 5.60 22.14
N TYR A 120 -3.10 4.54 21.51
CA TYR A 120 -3.71 4.62 20.18
C TYR A 120 -4.94 5.51 20.28
N VAL A 121 -5.73 5.30 21.32
CA VAL A 121 -6.89 6.15 21.58
C VAL A 121 -6.52 7.62 21.80
N GLU A 122 -5.52 7.86 22.64
CA GLU A 122 -5.08 9.21 22.94
C GLU A 122 -4.59 9.90 21.68
N VAL A 123 -3.73 9.22 20.94
CA VAL A 123 -3.15 9.82 19.75
C VAL A 123 -4.25 10.09 18.72
N ASN A 124 -5.13 9.13 18.52
CA ASN A 124 -6.28 9.33 17.64
C ASN A 124 -7.09 10.59 18.02
N ARG A 125 -7.31 10.77 19.31
CA ARG A 125 -8.04 11.94 19.77
C ARG A 125 -7.28 13.22 19.42
N ARG A 126 -5.96 13.18 19.59
CA ARG A 126 -5.10 14.32 19.29
C ARG A 126 -5.18 14.68 17.80
N PHE A 127 -5.25 13.67 16.93
CA PHE A 127 -5.45 13.91 15.51
C PHE A 127 -6.81 14.56 15.24
N ALA A 128 -7.84 14.06 15.92
CA ALA A 128 -9.19 14.59 15.76
C ALA A 128 -9.27 16.06 16.17
N GLU A 129 -8.57 16.40 17.25
CA GLU A 129 -8.54 17.77 17.74
C GLU A 129 -7.84 18.69 16.73
N ALA A 130 -6.72 18.23 16.21
CA ALA A 130 -5.97 18.98 15.21
C ALA A 130 -6.83 19.23 13.98
N THR A 131 -7.59 18.22 13.58
CA THR A 131 -8.49 18.33 12.43
C THR A 131 -9.55 19.41 12.68
N SER A 132 -10.16 19.36 13.86
CA SER A 132 -11.18 20.34 14.24
C SER A 132 -10.65 21.76 14.21
N ARG A 133 -9.41 21.94 14.63
CA ARG A 133 -8.76 23.25 14.58
C ARG A 133 -8.71 23.78 13.15
N ALA A 134 -8.35 22.92 12.22
CA ALA A 134 -8.14 23.31 10.82
C ALA A 134 -9.44 23.46 10.05
N ALA A 135 -10.42 22.62 10.37
CA ALA A 135 -11.64 22.49 9.57
C ALA A 135 -12.64 23.62 9.77
N ALA A 136 -13.03 24.24 8.66
CA ALA A 136 -14.08 25.25 8.66
C ALA A 136 -15.44 24.56 8.84
N ARG A 137 -16.49 25.36 9.03
CA ARG A 137 -17.84 24.83 9.14
C ARG A 137 -18.26 24.12 7.86
N GLY A 138 -18.73 22.90 7.99
CA GLY A 138 -19.21 22.15 6.83
C GLY A 138 -18.09 21.63 5.94
N ALA A 139 -16.85 21.73 6.43
CA ALA A 139 -15.69 21.26 5.68
C ALA A 139 -15.76 19.77 5.36
N THR A 140 -15.00 19.36 4.35
CA THR A 140 -14.87 17.96 3.99
C THR A 140 -13.55 17.43 4.53
N VAL A 141 -13.60 16.28 5.18
CA VAL A 141 -12.42 15.67 5.77
C VAL A 141 -12.19 14.27 5.21
N TRP A 142 -10.95 13.98 4.83
CA TRP A 142 -10.59 12.66 4.35
C TRP A 142 -9.54 12.04 5.27
N VAL A 143 -9.97 11.09 6.10
CA VAL A 143 -9.08 10.42 7.03
C VAL A 143 -8.44 9.22 6.35
N GLN A 144 -7.11 9.10 6.47
CA GLN A 144 -6.38 8.03 5.82
C GLN A 144 -5.91 6.92 6.78
N ASP A 145 -6.34 5.69 6.48
CA ASP A 145 -5.66 4.46 6.84
C ASP A 145 -5.78 3.96 8.28
N TYR A 146 -5.15 2.82 8.52
CA TYR A 146 -5.40 2.00 9.69
C TYR A 146 -4.92 2.58 11.02
N GLN A 147 -4.02 3.56 11.00
CA GLN A 147 -3.54 4.12 12.28
C GLN A 147 -4.56 5.08 12.90
N LEU A 148 -5.62 5.39 12.16
CA LEU A 148 -6.49 6.52 12.52
C LEU A 148 -7.95 6.14 12.44
N GLN A 149 -8.24 4.88 12.73
CA GLN A 149 -9.60 4.36 12.63
C GLN A 149 -10.58 4.90 13.65
N LEU A 150 -10.09 5.51 14.73
CA LEU A 150 -10.99 6.06 15.74
C LEU A 150 -11.38 7.50 15.43
N VAL A 151 -10.57 8.17 14.62
CA VAL A 151 -10.78 9.59 14.30
C VAL A 151 -12.20 9.94 13.79
N PRO A 152 -12.77 9.15 12.85
CA PRO A 152 -14.07 9.57 12.32
C PRO A 152 -15.16 9.74 13.39
N LYS A 153 -15.28 8.79 14.33
CA LYS A 153 -16.25 8.92 15.40
C LYS A 153 -15.88 10.08 16.33
N MET A 154 -14.62 10.16 16.71
CA MET A 154 -14.16 11.24 17.60
C MET A 154 -14.42 12.59 16.96
N LEU A 155 -14.18 12.67 15.66
CA LEU A 155 -14.36 13.92 14.94
C LEU A 155 -15.83 14.30 14.87
N ARG A 156 -16.69 13.34 14.55
CA ARG A 156 -18.11 13.61 14.44
C ARG A 156 -18.69 14.06 15.79
N GLU A 157 -18.11 13.58 16.88
CA GLU A 157 -18.54 13.98 18.22
C GLU A 157 -18.14 15.42 18.53
N LEU A 158 -16.92 15.79 18.15
CA LEU A 158 -16.48 17.16 18.32
C LEU A 158 -17.16 18.10 17.32
N ARG A 159 -17.33 17.60 16.10
CA ARG A 159 -17.73 18.44 14.98
C ARG A 159 -18.74 17.75 14.08
N PRO A 160 -20.01 17.69 14.51
CA PRO A 160 -21.07 17.03 13.72
C PRO A 160 -21.42 17.75 12.42
N ASP A 161 -20.82 18.91 12.19
CA ASP A 161 -21.05 19.66 10.95
C ASP A 161 -20.22 19.14 9.79
N LEU A 162 -19.20 18.35 10.10
CA LEU A 162 -18.24 17.90 9.09
C LEU A 162 -18.74 16.72 8.26
N THR A 163 -18.33 16.71 6.99
CA THR A 163 -18.48 15.53 6.15
C THR A 163 -17.18 14.75 6.21
N ILE A 164 -17.27 13.48 6.61
CA ILE A 164 -16.07 12.71 6.92
C ILE A 164 -15.96 11.45 6.06
N GLY A 165 -14.86 11.35 5.32
CA GLY A 165 -14.56 10.12 4.61
C GLY A 165 -13.39 9.42 5.26
N PHE A 166 -13.34 8.11 5.12
CA PHE A 166 -12.24 7.28 5.61
C PHE A 166 -11.90 6.26 4.53
N PHE A 167 -10.61 6.07 4.26
CA PHE A 167 -10.18 5.03 3.35
C PHE A 167 -9.09 4.18 3.99
N LEU A 168 -9.30 2.88 3.98
CA LEU A 168 -8.32 1.93 4.49
C LEU A 168 -7.43 1.43 3.37
N HIS A 169 -6.12 1.59 3.53
CA HIS A 169 -5.16 1.23 2.48
C HIS A 169 -4.69 -0.22 2.58
N ILE A 170 -5.03 -0.89 3.68
CA ILE A 170 -4.66 -2.29 3.89
C ILE A 170 -5.93 -3.15 3.86
N PRO A 171 -5.79 -4.49 3.79
CA PRO A 171 -7.04 -5.27 3.74
C PRO A 171 -7.88 -5.17 5.01
N PHE A 172 -9.18 -5.37 4.90
CA PHE A 172 -10.01 -5.50 6.08
C PHE A 172 -10.29 -6.99 6.24
N PRO A 173 -9.83 -7.56 7.35
CA PRO A 173 -9.81 -9.02 7.54
C PRO A 173 -11.20 -9.59 7.70
N PRO A 174 -11.35 -10.91 7.52
CA PRO A 174 -12.61 -11.58 7.80
C PRO A 174 -12.98 -11.47 9.28
N VAL A 175 -14.27 -11.57 9.56
CA VAL A 175 -14.80 -11.38 10.89
C VAL A 175 -14.19 -12.33 11.92
N GLU A 176 -13.95 -13.58 11.52
CA GLU A 176 -13.36 -14.58 12.41
C GLU A 176 -12.04 -14.13 13.00
N LEU A 177 -11.30 -13.35 12.22
CA LEU A 177 -10.02 -12.83 12.67
C LEU A 177 -10.19 -11.50 13.41
N PHE A 178 -10.99 -10.59 12.83
CA PHE A 178 -11.18 -9.26 13.43
C PHE A 178 -11.70 -9.37 14.86
N MET A 179 -12.54 -10.37 15.08
CA MET A 179 -13.15 -10.60 16.40
C MET A 179 -12.12 -10.83 17.51
N GLN A 180 -10.90 -11.22 17.14
CA GLN A 180 -9.87 -11.45 18.15
C GLN A 180 -9.61 -10.18 18.95
N LEU A 181 -9.71 -9.04 18.28
CA LEU A 181 -9.33 -7.77 18.85
C LEU A 181 -10.17 -7.44 20.08
N PRO A 182 -9.50 -7.32 21.23
CA PRO A 182 -10.29 -7.01 22.43
C PRO A 182 -11.04 -5.69 22.27
N TRP A 183 -10.57 -4.82 21.39
CA TRP A 183 -11.18 -3.51 21.20
C TRP A 183 -11.89 -3.45 19.84
N ARG A 184 -12.40 -4.61 19.43
CA ARG A 184 -13.11 -4.76 18.17
C ARG A 184 -14.29 -3.79 18.02
N THR A 185 -15.03 -3.58 19.09
CA THR A 185 -16.23 -2.75 19.00
C THR A 185 -15.85 -1.27 18.89
N GLU A 186 -14.83 -0.87 19.65
CA GLU A 186 -14.36 0.51 19.63
C GLU A 186 -13.83 0.87 18.24
N ILE A 187 -13.12 -0.06 17.59
CA ILE A 187 -12.60 0.19 16.25
C ILE A 187 -13.74 0.27 15.24
N THR A 188 -14.70 -0.65 15.35
CA THR A 188 -15.83 -0.66 14.43
C THR A 188 -16.67 0.63 14.57
N ASP A 189 -16.99 0.99 15.80
CA ASP A 189 -17.68 2.26 16.08
C ASP A 189 -16.88 3.44 15.52
N GLY A 190 -15.57 3.37 15.66
CA GLY A 190 -14.68 4.41 15.15
C GLY A 190 -14.89 4.65 13.66
N LEU A 191 -14.81 3.58 12.88
CA LEU A 191 -14.98 3.66 11.43
C LEU A 191 -16.39 4.15 11.06
N LEU A 192 -17.39 3.71 11.81
CA LEU A 192 -18.78 4.07 11.55
C LEU A 192 -19.07 5.54 11.83
N GLY A 193 -18.09 6.26 12.38
CA GLY A 193 -18.23 7.70 12.52
C GLY A 193 -18.14 8.41 11.18
N ALA A 194 -17.69 7.70 10.15
CA ALA A 194 -17.53 8.33 8.83
C ALA A 194 -18.82 8.32 8.00
N ASP A 195 -18.92 9.25 7.05
CA ASP A 195 -20.02 9.25 6.10
C ASP A 195 -19.77 8.24 5.00
N LEU A 196 -18.50 8.05 4.69
CA LEU A 196 -18.06 7.10 3.68
C LEU A 196 -16.88 6.30 4.20
N VAL A 197 -16.99 4.99 4.15
CA VAL A 197 -15.88 4.12 4.48
C VAL A 197 -15.50 3.35 3.23
N GLY A 198 -14.26 3.51 2.79
CA GLY A 198 -13.83 2.95 1.52
C GLY A 198 -12.68 1.99 1.70
N PHE A 199 -12.66 0.96 0.86
CA PHE A 199 -11.64 -0.07 0.85
C PHE A 199 -11.15 -0.23 -0.59
N HIS A 200 -10.04 -0.88 -0.79
CA HIS A 200 -9.60 -1.10 -2.14
C HIS A 200 -10.50 -2.04 -2.87
N LEU A 201 -11.03 -3.05 -2.17
CA LEU A 201 -11.75 -4.15 -2.78
C LEU A 201 -13.15 -4.33 -2.22
N PRO A 202 -14.08 -4.84 -3.06
CA PRO A 202 -15.43 -5.20 -2.59
C PRO A 202 -15.36 -6.14 -1.40
N GLY A 203 -14.38 -7.06 -1.38
CA GLY A 203 -14.23 -8.02 -0.30
C GLY A 203 -14.09 -7.38 1.07
N GLY A 204 -13.32 -6.29 1.14
CA GLY A 204 -13.15 -5.57 2.38
C GLY A 204 -14.44 -4.91 2.78
N ALA A 205 -15.09 -4.29 1.80
CA ALA A 205 -16.36 -3.62 2.03
C ALA A 205 -17.41 -4.59 2.57
N GLN A 206 -17.42 -5.79 2.00
CA GLN A 206 -18.42 -6.78 2.36
C GLN A 206 -18.11 -7.34 3.76
N ASN A 207 -16.83 -7.46 4.09
CA ASN A 207 -16.44 -7.88 5.43
C ASN A 207 -16.87 -6.84 6.44
N PHE A 208 -16.76 -5.58 6.07
CA PHE A 208 -17.14 -4.49 6.94
C PHE A 208 -18.64 -4.48 7.22
N LEU A 209 -19.43 -4.67 6.16
CA LEU A 209 -20.90 -4.75 6.30
C LEU A 209 -21.28 -5.91 7.20
N PHE A 210 -20.64 -7.06 7.01
CA PHE A 210 -20.98 -8.25 7.79
C PHE A 210 -20.62 -8.02 9.26
N LEU A 211 -19.49 -7.37 9.50
CA LEU A 211 -19.06 -7.03 10.84
C LEU A 211 -20.07 -6.09 11.49
N ALA A 212 -20.56 -5.14 10.70
CA ALA A 212 -21.55 -4.18 11.18
C ALA A 212 -22.82 -4.87 11.71
N ARG A 213 -23.26 -5.92 11.02
CA ARG A 213 -24.45 -6.65 11.43
C ARG A 213 -24.19 -7.54 12.63
N ARG A 214 -23.04 -8.23 12.60
CA ARG A 214 -22.70 -9.23 13.58
C ARG A 214 -22.29 -8.64 14.93
N LEU A 215 -21.39 -7.66 14.90
CA LEU A 215 -20.79 -7.13 16.11
C LEU A 215 -21.59 -5.96 16.67
N VAL A 216 -22.03 -5.08 15.78
CA VAL A 216 -22.71 -3.85 16.20
C VAL A 216 -24.23 -4.00 16.12
N GLY A 217 -24.72 -4.92 15.30
CA GLY A 217 -26.14 -5.17 15.20
C GLY A 217 -26.89 -4.18 14.33
N ALA A 218 -26.14 -3.39 13.56
CA ALA A 218 -26.74 -2.39 12.69
C ALA A 218 -27.38 -3.04 11.46
N ASN A 219 -28.43 -2.42 10.93
CA ASN A 219 -29.00 -2.87 9.67
CA ASN A 219 -29.00 -2.85 9.66
C ASN A 219 -28.11 -2.41 8.50
N THR A 220 -27.73 -3.35 7.65
CA THR A 220 -26.94 -3.01 6.46
C THR A 220 -27.60 -3.49 5.18
N SER A 221 -27.08 -3.05 4.04
CA SER A 221 -27.45 -3.61 2.74
C SER A 221 -26.87 -5.02 2.65
N ARG A 222 -27.46 -5.86 1.81
CA ARG A 222 -27.06 -7.27 1.71
C ARG A 222 -26.44 -7.65 0.37
N ALA A 223 -26.54 -6.75 -0.61
CA ALA A 223 -25.98 -7.03 -1.94
C ALA A 223 -24.47 -7.01 -1.94
N SER A 224 -23.88 -7.60 -2.99
CA SER A 224 -22.46 -7.45 -3.24
C SER A 224 -22.15 -5.97 -3.46
N VAL A 225 -20.92 -5.60 -3.13
CA VAL A 225 -20.46 -4.23 -3.29
C VAL A 225 -19.72 -4.14 -4.61
N GLY A 226 -20.05 -3.14 -5.42
CA GLY A 226 -19.38 -2.96 -6.71
C GLY A 226 -18.04 -2.25 -6.60
N VAL A 227 -17.38 -2.07 -7.75
CA VAL A 227 -16.15 -1.31 -7.83
C VAL A 227 -16.49 0.13 -8.19
N ARG A 228 -16.23 1.07 -7.28
CA ARG A 228 -16.56 2.49 -7.50
C ARG A 228 -18.03 2.69 -7.86
N SER A 229 -18.89 1.76 -7.45
CA SER A 229 -20.31 1.76 -7.78
C SER A 229 -21.02 0.76 -6.87
N LYS A 230 -22.34 0.69 -6.97
CA LYS A 230 -23.12 -0.29 -6.23
C LYS A 230 -22.68 -0.33 -4.75
N PHE A 231 -22.79 0.82 -4.09
CA PHE A 231 -22.27 1.01 -2.75
C PHE A 231 -23.11 0.30 -1.68
N GLY A 232 -22.46 -0.08 -0.59
CA GLY A 232 -23.17 -0.65 0.54
C GLY A 232 -23.61 0.44 1.48
N GLU A 233 -24.46 0.10 2.46
CA GLU A 233 -24.97 1.07 3.42
C GLU A 233 -25.08 0.45 4.80
N VAL A 234 -24.68 1.22 5.82
CA VAL A 234 -24.91 0.84 7.21
C VAL A 234 -25.76 1.92 7.86
N GLN A 235 -26.88 1.54 8.45
CA GLN A 235 -27.73 2.52 9.11
C GLN A 235 -27.29 2.72 10.55
N ILE A 236 -26.92 3.95 10.88
CA ILE A 236 -26.49 4.30 12.23
C ILE A 236 -27.45 5.36 12.76
N GLY A 237 -28.46 4.91 13.49
CA GLY A 237 -29.52 5.77 13.96
C GLY A 237 -30.09 6.63 12.84
N SER A 238 -29.92 7.94 12.97
CA SER A 238 -30.47 8.90 12.03
C SER A 238 -29.73 8.94 10.69
N ARG A 239 -28.46 8.57 10.67
CA ARG A 239 -27.68 8.72 9.44
C ARG A 239 -27.21 7.40 8.83
N THR A 240 -26.86 7.47 7.55
CA THR A 240 -26.44 6.30 6.79
C THR A 240 -24.95 6.41 6.51
N VAL A 241 -24.25 5.29 6.67
CA VAL A 241 -22.84 5.23 6.32
C VAL A 241 -22.68 4.53 4.98
N LYS A 242 -22.04 5.23 4.04
CA LYS A 242 -21.79 4.65 2.72
C LYS A 242 -20.55 3.78 2.76
N VAL A 243 -20.61 2.61 2.12
CA VAL A 243 -19.48 1.70 2.10
C VAL A 243 -19.14 1.33 0.66
N GLY A 244 -17.87 1.51 0.29
CA GLY A 244 -17.50 1.31 -1.10
C GLY A 244 -16.11 0.77 -1.34
N ALA A 245 -15.87 0.38 -2.58
CA ALA A 245 -14.58 -0.13 -3.00
C ALA A 245 -13.98 0.83 -4.03
N PHE A 246 -12.78 1.31 -3.74
CA PHE A 246 -12.10 2.26 -4.62
C PHE A 246 -10.66 1.79 -4.69
N PRO A 247 -10.31 1.03 -5.73
CA PRO A 247 -8.97 0.44 -5.81
C PRO A 247 -7.91 1.49 -6.16
N ILE A 248 -6.94 1.68 -5.28
CA ILE A 248 -5.95 2.74 -5.49
C ILE A 248 -5.07 2.44 -6.70
N SER A 249 -4.47 3.48 -7.27
CA SER A 249 -3.53 3.28 -8.35
C SER A 249 -2.42 4.31 -8.26
N ILE A 250 -1.70 4.47 -9.37
CA ILE A 250 -0.55 5.37 -9.43
C ILE A 250 -0.79 6.48 -10.45
N ASP A 251 0.15 7.42 -10.54
CA ASP A 251 0.11 8.39 -11.64
C ASP A 251 0.73 7.69 -12.84
N SER A 252 -0.09 6.87 -13.51
CA SER A 252 0.35 6.04 -14.63
C SER A 252 1.02 6.84 -15.75
N ALA A 253 0.37 7.91 -16.19
CA ALA A 253 0.90 8.72 -17.28
C ALA A 253 2.27 9.33 -16.92
N ASP A 254 2.42 9.79 -15.69
CA ASP A 254 3.69 10.42 -15.30
C ASP A 254 4.83 9.41 -15.25
N LEU A 255 4.55 8.22 -14.74
CA LEU A 255 5.58 7.19 -14.65
C LEU A 255 5.92 6.66 -16.04
N ASP A 256 4.88 6.53 -16.86
CA ASP A 256 5.04 6.17 -18.26
C ASP A 256 6.01 7.14 -18.94
N ARG A 257 5.75 8.44 -18.78
CA ARG A 257 6.60 9.47 -19.37
C ARG A 257 8.02 9.42 -18.81
N GLN A 258 8.13 9.31 -17.49
CA GLN A 258 9.42 9.28 -16.81
C GLN A 258 10.29 8.11 -17.29
N ALA A 259 9.68 6.95 -17.50
CA ALA A 259 10.41 5.75 -17.90
C ALA A 259 10.95 5.85 -19.32
N ARG A 260 10.38 6.75 -20.11
CA ARG A 260 10.85 6.93 -21.49
C ARG A 260 12.10 7.78 -21.61
N GLN A 261 12.56 8.39 -20.52
CA GLN A 261 13.72 9.28 -20.60
C GLN A 261 14.96 8.53 -21.10
N ARG A 262 15.78 9.18 -21.92
CA ARG A 262 16.99 8.56 -22.45
C ARG A 262 17.92 8.10 -21.31
N SER A 263 18.10 8.94 -20.30
CA SER A 263 18.97 8.61 -19.18
C SER A 263 18.54 7.34 -18.45
N ILE A 264 17.23 7.14 -18.31
CA ILE A 264 16.71 5.96 -17.62
C ILE A 264 17.01 4.70 -18.44
N ARG A 265 16.77 4.78 -19.74
CA ARG A 265 16.97 3.66 -20.64
C ARG A 265 18.45 3.28 -20.73
N GLN A 266 19.32 4.28 -20.76
CA GLN A 266 20.75 4.00 -20.72
C GLN A 266 21.14 3.38 -19.38
N ARG A 267 20.53 3.84 -18.29
CA ARG A 267 20.84 3.24 -16.99
C ARG A 267 20.40 1.78 -16.96
N ALA A 268 19.24 1.49 -17.55
CA ALA A 268 18.76 0.10 -17.56
C ALA A 268 19.75 -0.81 -18.31
N ARG A 269 20.29 -0.31 -19.43
CA ARG A 269 21.31 -1.05 -20.15
C ARG A 269 22.59 -1.23 -19.32
N GLN A 270 23.00 -0.19 -18.61
CA GLN A 270 24.20 -0.25 -17.79
C GLN A 270 24.02 -1.22 -16.61
N ILE A 271 22.81 -1.29 -16.07
CA ILE A 271 22.50 -2.24 -15.01
C ILE A 271 22.71 -3.67 -15.49
N ARG A 272 22.25 -3.97 -16.70
CA ARG A 272 22.41 -5.32 -17.24
C ARG A 272 23.89 -5.65 -17.47
N ALA A 273 24.67 -4.66 -17.89
CA ALA A 273 26.11 -4.87 -18.08
C ALA A 273 26.80 -5.11 -16.74
N GLU A 274 26.42 -4.33 -15.73
CA GLU A 274 26.99 -4.50 -14.40
C GLU A 274 26.61 -5.85 -13.78
N LEU A 275 25.57 -6.48 -14.29
CA LEU A 275 25.14 -7.79 -13.78
C LEU A 275 25.79 -8.94 -14.54
N GLY A 276 26.72 -8.61 -15.42
CA GLY A 276 27.43 -9.60 -16.21
C GLY A 276 26.67 -9.99 -17.47
N ASN A 277 25.90 -9.05 -17.99
CA ASN A 277 24.99 -9.26 -19.12
C ASN A 277 24.18 -10.56 -19.12
N PRO A 278 23.30 -10.73 -18.11
CA PRO A 278 22.43 -11.91 -18.11
C PRO A 278 21.43 -11.86 -19.25
N ARG A 279 20.96 -13.03 -19.68
CA ARG A 279 19.89 -13.09 -20.67
C ARG A 279 18.56 -12.71 -20.02
N ARG A 280 18.39 -13.07 -18.75
CA ARG A 280 17.15 -12.76 -18.05
C ARG A 280 17.42 -12.18 -16.67
N ILE A 281 16.72 -11.09 -16.35
CA ILE A 281 16.76 -10.51 -15.01
C ILE A 281 15.38 -10.63 -14.35
N LEU A 282 15.32 -11.20 -13.16
CA LEU A 282 14.10 -11.15 -12.35
C LEU A 282 14.27 -10.02 -11.35
N LEU A 283 13.20 -9.32 -11.05
CA LEU A 283 13.27 -8.21 -10.10
C LEU A 283 12.20 -8.29 -9.02
N GLY A 284 12.60 -7.98 -7.80
CA GLY A 284 11.69 -7.82 -6.67
C GLY A 284 11.95 -6.44 -6.08
N VAL A 285 10.88 -5.70 -5.83
CA VAL A 285 10.96 -4.37 -5.26
C VAL A 285 9.90 -4.30 -4.17
N ASP A 286 10.30 -4.12 -2.93
CA ASP A 286 9.35 -4.18 -1.81
C ASP A 286 9.81 -3.36 -0.63
N ARG A 287 8.87 -2.69 0.03
CA ARG A 287 9.11 -2.30 1.40
C ARG A 287 9.20 -3.61 2.17
N LEU A 288 10.26 -3.76 2.95
CA LEU A 288 10.51 -5.00 3.67
C LEU A 288 9.33 -5.28 4.60
N ASP A 289 8.61 -6.37 4.33
CA ASP A 289 7.46 -6.71 5.18
C ASP A 289 7.14 -8.17 5.01
N TYR A 290 6.69 -8.83 6.08
CA TYR A 290 6.37 -10.24 5.97
C TYR A 290 5.13 -10.45 5.12
N THR A 291 4.43 -9.37 4.81
CA THR A 291 3.26 -9.52 3.95
C THR A 291 3.66 -9.70 2.48
N LYS A 292 4.90 -9.36 2.15
CA LYS A 292 5.29 -9.16 0.74
C LYS A 292 5.76 -10.43 0.03
N GLY A 293 5.93 -11.52 0.77
CA GLY A 293 6.27 -12.79 0.16
C GLY A 293 7.63 -12.83 -0.51
N ILE A 294 8.58 -12.07 0.00
CA ILE A 294 9.97 -12.10 -0.52
C ILE A 294 10.61 -13.47 -0.26
N ASP A 295 10.29 -14.08 0.87
CA ASP A 295 10.84 -15.39 1.21
C ASP A 295 10.36 -16.45 0.22
N VAL A 296 9.12 -16.30 -0.23
CA VAL A 296 8.56 -17.24 -1.20
C VAL A 296 9.27 -17.19 -2.58
N ARG A 297 9.53 -16.00 -3.10
CA ARG A 297 10.19 -15.94 -4.39
CA ARG A 297 10.25 -15.84 -4.36
C ARG A 297 11.62 -16.46 -4.32
N LEU A 298 12.30 -16.26 -3.19
CA LEU A 298 13.65 -16.76 -3.00
C LEU A 298 13.64 -18.27 -2.93
N GLN A 299 12.66 -18.83 -2.22
CA GLN A 299 12.54 -20.28 -2.14
C GLN A 299 12.28 -20.88 -3.52
N ALA A 300 11.32 -20.30 -4.25
CA ALA A 300 11.04 -20.75 -5.61
C ALA A 300 12.29 -20.69 -6.48
N PHE A 301 13.03 -19.59 -6.38
CA PHE A 301 14.22 -19.41 -7.22
C PHE A 301 15.29 -20.46 -6.88
N ALA A 302 15.50 -20.70 -5.59
CA ALA A 302 16.48 -21.70 -5.13
C ALA A 302 16.15 -23.09 -5.65
N GLU A 303 14.87 -23.45 -5.61
CA GLU A 303 14.48 -24.79 -6.03
C GLU A 303 14.54 -24.93 -7.55
N LEU A 304 14.23 -23.87 -8.28
CA LEU A 304 14.39 -23.89 -9.73
C LEU A 304 15.84 -24.10 -10.11
N LEU A 305 16.75 -23.46 -9.38
CA LEU A 305 18.17 -23.62 -9.64
C LEU A 305 18.60 -25.03 -9.30
N ALA A 306 18.12 -25.56 -8.17
CA ALA A 306 18.43 -26.93 -7.78
C ALA A 306 17.97 -27.93 -8.83
N GLU A 307 16.84 -27.63 -9.46
CA GLU A 307 16.25 -28.55 -10.43
C GLU A 307 16.78 -28.32 -11.84
N GLY A 308 17.65 -27.32 -12.00
CA GLY A 308 18.21 -27.01 -13.30
C GLY A 308 17.19 -26.43 -14.26
N ARG A 309 16.09 -25.91 -13.73
CA ARG A 309 15.02 -25.37 -14.56
C ARG A 309 15.23 -23.90 -14.87
N VAL A 310 16.18 -23.30 -14.18
CA VAL A 310 16.64 -21.93 -14.44
C VAL A 310 18.14 -22.05 -14.68
N ASN A 311 18.66 -21.33 -15.67
CA ASN A 311 20.08 -21.41 -15.98
C ASN A 311 20.87 -20.45 -15.10
N ARG A 312 21.65 -21.02 -14.18
CA ARG A 312 22.42 -20.21 -13.24
C ARG A 312 23.49 -19.37 -13.94
N GLU A 313 23.77 -19.68 -15.20
CA GLU A 313 24.79 -18.95 -15.94
C GLU A 313 24.27 -17.69 -16.65
N ASP A 314 22.97 -17.58 -16.90
CA ASP A 314 22.49 -16.43 -17.67
C ASP A 314 21.24 -15.78 -17.09
N THR A 315 20.87 -16.18 -15.88
CA THR A 315 19.69 -15.66 -15.21
C THR A 315 20.06 -15.15 -13.82
N VAL A 316 19.63 -13.93 -13.51
CA VAL A 316 19.93 -13.34 -12.20
CA VAL A 316 19.96 -13.26 -12.25
C VAL A 316 18.69 -12.70 -11.61
N PHE A 317 18.60 -12.79 -10.29
CA PHE A 317 17.49 -12.23 -9.52
C PHE A 317 18.02 -11.03 -8.73
N VAL A 318 17.39 -9.86 -8.91
CA VAL A 318 17.73 -8.69 -8.12
C VAL A 318 16.58 -8.39 -7.16
N GLN A 319 16.88 -8.32 -5.87
CA GLN A 319 15.86 -7.98 -4.88
C GLN A 319 16.21 -6.68 -4.18
N LEU A 320 15.31 -5.70 -4.30
CA LEU A 320 15.54 -4.40 -3.68
C LEU A 320 14.55 -4.21 -2.55
N ALA A 321 15.01 -4.38 -1.33
CA ALA A 321 14.15 -4.23 -0.15
C ALA A 321 14.44 -2.90 0.49
N THR A 322 13.43 -2.07 0.68
CA THR A 322 13.68 -0.82 1.38
C THR A 322 13.31 -1.06 2.84
N PRO A 323 14.13 -0.55 3.78
CA PRO A 323 14.00 -0.90 5.20
C PRO A 323 12.67 -0.46 5.79
N SER A 324 12.15 -1.26 6.71
CA SER A 324 10.87 -0.95 7.32
C SER A 324 10.76 -1.54 8.71
N ARG A 325 10.39 -0.68 9.66
CA ARG A 325 9.92 -1.09 10.98
C ARG A 325 10.95 -1.92 11.75
N GLU A 326 12.17 -1.38 11.76
CA GLU A 326 13.32 -1.98 12.42
C GLU A 326 13.10 -2.26 13.92
N ARG A 327 12.26 -1.45 14.57
CA ARG A 327 12.01 -1.63 16.01
C ARG A 327 10.96 -2.70 16.28
N VAL A 328 10.41 -3.30 15.24
CA VAL A 328 9.42 -4.37 15.41
C VAL A 328 10.10 -5.70 15.16
N GLU A 329 10.11 -6.56 16.18
CA GLU A 329 10.92 -7.78 16.14
C GLU A 329 10.63 -8.68 14.95
N ALA A 330 9.35 -8.78 14.58
CA ALA A 330 8.96 -9.61 13.44
C ALA A 330 9.66 -9.18 12.14
N TYR A 331 9.93 -7.88 12.00
CA TYR A 331 10.56 -7.38 10.78
C TYR A 331 12.05 -7.69 10.77
N ARG A 332 12.66 -7.67 11.96
CA ARG A 332 14.07 -8.01 12.10
C ARG A 332 14.27 -9.49 11.78
N LEU A 333 13.34 -10.31 12.25
CA LEU A 333 13.40 -11.75 12.00
C LEU A 333 13.20 -12.10 10.54
N LEU A 334 12.29 -11.38 9.89
CA LEU A 334 12.07 -11.60 8.47
C LEU A 334 13.33 -11.21 7.70
N ARG A 335 13.97 -10.11 8.11
CA ARG A 335 15.18 -9.67 7.43
C ARG A 335 16.27 -10.74 7.55
N ASP A 336 16.37 -11.37 8.72
CA ASP A 336 17.35 -12.43 8.93
C ASP A 336 17.11 -13.63 8.03
N ASP A 337 15.85 -14.02 7.89
CA ASP A 337 15.48 -15.15 7.04
C ASP A 337 15.79 -14.92 5.56
N ILE A 338 15.45 -13.75 5.06
CA ILE A 338 15.69 -13.38 3.67
CA ILE A 338 15.69 -13.54 3.65
C ILE A 338 17.18 -13.36 3.37
N GLU A 339 17.92 -12.77 4.30
CA GLU A 339 19.35 -12.57 4.10
C GLU A 339 20.09 -13.91 4.15
N ARG A 340 19.60 -14.83 4.99
CA ARG A 340 20.10 -16.20 4.97
C ARG A 340 19.89 -16.84 3.60
N GLN A 341 18.69 -16.70 3.07
CA GLN A 341 18.34 -17.25 1.77
C GLN A 341 19.26 -16.71 0.68
N VAL A 342 19.52 -15.41 0.73
CA VAL A 342 20.40 -14.80 -0.27
C VAL A 342 21.80 -15.41 -0.22
N GLY A 343 22.40 -15.42 0.97
CA GLY A 343 23.72 -16.00 1.13
C GLY A 343 23.73 -17.44 0.69
N HIS A 344 22.68 -18.18 1.07
CA HIS A 344 22.61 -19.61 0.76
C HIS A 344 22.58 -19.87 -0.75
N ILE A 345 21.69 -19.17 -1.44
CA ILE A 345 21.51 -19.39 -2.86
C ILE A 345 22.78 -19.04 -3.63
N ASN A 346 23.44 -17.95 -3.24
CA ASN A 346 24.67 -17.56 -3.93
C ASN A 346 25.81 -18.53 -3.65
N GLY A 347 25.90 -19.03 -2.42
CA GLY A 347 26.94 -19.97 -2.07
C GLY A 347 26.79 -21.30 -2.80
N GLU A 348 25.55 -21.63 -3.15
CA GLU A 348 25.24 -22.89 -3.79
C GLU A 348 25.30 -22.80 -5.33
N TYR A 349 24.86 -21.68 -5.90
CA TYR A 349 24.67 -21.60 -7.35
C TYR A 349 25.41 -20.46 -8.01
N GLY A 350 26.00 -19.57 -7.22
CA GLY A 350 26.77 -18.47 -7.81
C GLY A 350 28.20 -18.82 -8.16
N GLU A 351 28.94 -17.81 -8.64
CA GLU A 351 30.37 -17.92 -8.82
C GLU A 351 30.97 -16.70 -8.17
N VAL A 352 32.25 -16.78 -7.80
CA VAL A 352 32.95 -15.58 -7.35
C VAL A 352 32.96 -14.56 -8.50
N GLY A 353 32.44 -13.38 -8.24
CA GLY A 353 32.33 -12.37 -9.28
C GLY A 353 31.00 -12.46 -10.02
N HIS A 354 30.20 -13.47 -9.71
CA HIS A 354 28.89 -13.59 -10.34
C HIS A 354 27.83 -14.25 -9.46
N PRO A 355 27.19 -13.45 -8.59
CA PRO A 355 26.03 -13.91 -7.82
C PRO A 355 24.85 -14.24 -8.71
N VAL A 356 23.97 -15.14 -8.28
CA VAL A 356 22.69 -15.31 -8.97
C VAL A 356 21.61 -14.47 -8.30
N VAL A 357 21.88 -14.03 -7.07
CA VAL A 357 21.00 -13.10 -6.38
C VAL A 357 21.72 -11.85 -5.92
N HIS A 358 21.23 -10.70 -6.34
CA HIS A 358 21.71 -9.43 -5.84
C HIS A 358 20.64 -8.84 -4.94
N TYR A 359 21.03 -8.43 -3.75
CA TYR A 359 20.06 -7.98 -2.78
C TYR A 359 20.53 -6.69 -2.14
N LEU A 360 19.66 -5.68 -2.12
CA LEU A 360 19.99 -4.45 -1.41
C LEU A 360 18.94 -4.17 -0.36
N HIS A 361 19.38 -3.82 0.83
CA HIS A 361 18.47 -3.42 1.90
C HIS A 361 18.64 -1.94 2.13
N ARG A 362 17.97 -1.13 1.30
CA ARG A 362 18.14 0.32 1.32
C ARG A 362 17.16 1.01 0.37
N PRO A 363 16.84 2.28 0.63
CA PRO A 363 15.98 3.04 -0.27
C PRO A 363 16.72 3.32 -1.57
N VAL A 364 16.09 3.00 -2.69
CA VAL A 364 16.66 3.26 -4.01
C VAL A 364 16.11 4.57 -4.55
N PRO A 365 16.98 5.46 -5.06
CA PRO A 365 16.50 6.69 -5.71
C PRO A 365 15.47 6.37 -6.79
N ARG A 366 14.47 7.21 -6.94
CA ARG A 366 13.36 6.93 -7.84
C ARG A 366 13.79 6.68 -9.30
N GLU A 367 14.74 7.47 -9.80
CA GLU A 367 15.17 7.27 -11.17
C GLU A 367 15.94 5.96 -11.33
N GLU A 368 16.68 5.57 -10.29
CA GLU A 368 17.37 4.28 -10.30
C GLU A 368 16.37 3.14 -10.28
N LEU A 369 15.34 3.27 -9.44
CA LEU A 369 14.32 2.24 -9.33
C LEU A 369 13.61 2.03 -10.67
N ILE A 370 13.28 3.13 -11.32
CA ILE A 370 12.62 3.07 -12.61
C ILE A 370 13.52 2.39 -13.65
N ALA A 371 14.81 2.67 -13.60
CA ALA A 371 15.75 1.99 -14.48
C ALA A 371 15.71 0.48 -14.25
N PHE A 372 15.54 0.06 -12.99
CA PHE A 372 15.43 -1.36 -12.71
C PHE A 372 14.16 -1.99 -13.27
N PHE A 373 13.03 -1.31 -13.10
CA PHE A 373 11.78 -1.73 -13.75
C PHE A 373 11.98 -1.92 -15.26
N VAL A 374 12.68 -0.99 -15.88
CA VAL A 374 12.89 -1.04 -17.32
C VAL A 374 13.81 -2.20 -17.67
N ALA A 375 14.79 -2.46 -16.81
CA ALA A 375 15.75 -3.53 -17.10
C ALA A 375 15.18 -4.94 -16.89
N ALA A 376 14.27 -5.09 -15.92
CA ALA A 376 13.79 -6.41 -15.51
C ALA A 376 12.93 -7.13 -16.53
N ASP A 377 13.32 -8.35 -16.87
CA ASP A 377 12.51 -9.20 -17.75
C ASP A 377 11.30 -9.81 -17.05
N VAL A 378 11.45 -10.06 -15.75
CA VAL A 378 10.35 -10.61 -14.97
C VAL A 378 10.22 -9.86 -13.65
N MET A 379 9.04 -9.31 -13.41
CA MET A 379 8.78 -8.63 -12.14
C MET A 379 8.11 -9.62 -11.20
N LEU A 380 8.71 -9.85 -10.03
CA LEU A 380 8.16 -10.79 -9.07
C LEU A 380 7.46 -10.05 -7.94
N VAL A 381 6.14 -10.02 -7.99
CA VAL A 381 5.34 -9.36 -6.97
C VAL A 381 4.47 -10.42 -6.29
N THR A 382 5.01 -11.08 -5.26
CA THR A 382 4.35 -12.25 -4.71
C THR A 382 3.89 -12.15 -3.22
N PRO A 383 3.21 -11.06 -2.82
CA PRO A 383 2.75 -10.97 -1.41
C PRO A 383 1.82 -12.09 -0.94
N LEU A 384 1.91 -12.40 0.34
CA LEU A 384 1.00 -13.34 0.98
C LEU A 384 -0.37 -12.70 1.16
N ARG A 385 -0.36 -11.38 1.34
CA ARG A 385 -1.55 -10.59 1.52
C ARG A 385 -1.17 -9.12 1.41
N ASP A 386 -1.81 -8.37 0.51
CA ASP A 386 -1.49 -6.96 0.30
C ASP A 386 -2.74 -6.21 -0.12
N GLY A 387 -2.95 -5.02 0.44
CA GLY A 387 -4.14 -4.24 0.13
C GLY A 387 -4.29 -3.97 -1.37
N MET A 388 -3.24 -3.43 -1.98
CA MET A 388 -3.23 -3.24 -3.43
C MET A 388 -1.91 -3.74 -4.00
N ASN A 389 -0.83 -3.08 -3.56
CA ASN A 389 0.54 -3.20 -4.07
C ASN A 389 0.77 -2.34 -5.32
N LEU A 390 1.38 -1.18 -5.11
CA LEU A 390 1.63 -0.22 -6.20
C LEU A 390 2.75 -0.65 -7.15
N VAL A 391 3.68 -1.46 -6.66
CA VAL A 391 4.82 -1.88 -7.45
C VAL A 391 4.39 -2.63 -8.70
N ALA A 392 3.35 -3.47 -8.57
CA ALA A 392 2.81 -4.18 -9.73
C ALA A 392 2.41 -3.19 -10.83
N LYS A 393 1.76 -2.11 -10.42
CA LYS A 393 1.26 -1.13 -11.38
C LYS A 393 2.39 -0.24 -11.89
N GLU A 394 3.36 0.05 -11.04
CA GLU A 394 4.51 0.87 -11.45
C GLU A 394 5.31 0.17 -12.54
N TYR A 395 5.50 -1.14 -12.39
CA TYR A 395 6.24 -1.89 -13.40
C TYR A 395 5.54 -1.81 -14.75
N VAL A 396 4.23 -2.05 -14.73
CA VAL A 396 3.43 -2.02 -15.94
C VAL A 396 3.52 -0.65 -16.63
N ALA A 397 3.39 0.41 -15.85
CA ALA A 397 3.47 1.79 -16.36
C ALA A 397 4.83 2.07 -17.02
N CYS A 398 5.87 1.43 -16.51
CA CYS A 398 7.23 1.66 -17.03
C CYS A 398 7.52 0.91 -18.33
N ARG A 399 6.77 -0.14 -18.62
CA ARG A 399 7.11 -0.95 -19.80
C ARG A 399 6.39 -0.50 -21.08
N SER A 400 6.56 0.75 -21.46
CA SER A 400 6.01 1.24 -22.72
C SER A 400 6.64 0.54 -23.93
N ASP A 401 7.79 -0.09 -23.71
CA ASP A 401 8.42 -0.89 -24.76
C ASP A 401 7.70 -2.24 -24.93
N LEU A 402 6.75 -2.49 -24.04
CA LEU A 402 5.93 -3.71 -24.02
C LEU A 402 6.74 -4.98 -23.72
N GLY A 403 7.98 -4.82 -23.29
CA GLY A 403 8.77 -5.95 -22.81
C GLY A 403 8.40 -6.33 -21.39
N GLY A 404 9.05 -7.37 -20.88
CA GLY A 404 8.89 -7.79 -19.51
C GLY A 404 7.70 -8.72 -19.26
N ALA A 405 7.57 -9.13 -18.01
CA ALA A 405 6.52 -10.03 -17.57
C ALA A 405 6.25 -9.77 -16.10
N LEU A 406 4.98 -9.74 -15.73
CA LEU A 406 4.63 -9.52 -14.33
C LEU A 406 4.10 -10.82 -13.70
N VAL A 407 4.80 -11.33 -12.69
CA VAL A 407 4.32 -12.46 -11.90
C VAL A 407 3.71 -11.88 -10.63
N LEU A 408 2.41 -12.13 -10.43
CA LEU A 408 1.65 -11.38 -9.43
C LEU A 408 0.81 -12.29 -8.53
N SER A 409 0.94 -12.09 -7.21
CA SER A 409 0.15 -12.89 -6.27
C SER A 409 -1.34 -12.56 -6.37
N GLU A 410 -2.16 -13.61 -6.39
CA GLU A 410 -3.62 -13.47 -6.27
C GLU A 410 -4.05 -12.72 -5.02
N PHE A 411 -3.18 -12.71 -4.00
CA PHE A 411 -3.57 -12.16 -2.69
C PHE A 411 -3.18 -10.69 -2.58
N THR A 412 -3.19 -10.02 -3.72
CA THR A 412 -3.01 -8.57 -3.77
C THR A 412 -4.30 -7.97 -4.32
N GLY A 413 -4.61 -6.74 -3.92
CA GLY A 413 -5.71 -6.05 -4.56
C GLY A 413 -5.43 -5.85 -6.04
N ALA A 414 -4.16 -5.74 -6.40
CA ALA A 414 -3.79 -5.49 -7.81
C ALA A 414 -4.24 -6.64 -8.71
N ALA A 415 -4.26 -7.87 -8.19
CA ALA A 415 -4.63 -9.02 -9.02
C ALA A 415 -6.08 -8.96 -9.49
N ALA A 416 -6.92 -8.15 -8.85
CA ALA A 416 -8.29 -7.96 -9.31
C ALA A 416 -8.39 -7.14 -10.59
N GLU A 417 -7.34 -6.36 -10.87
CA GLU A 417 -7.33 -5.50 -12.05
C GLU A 417 -6.33 -5.99 -13.10
N LEU A 418 -5.31 -6.69 -12.64
CA LEU A 418 -4.19 -7.05 -13.51
C LEU A 418 -4.25 -8.54 -13.86
N GLY A 419 -5.44 -8.99 -14.25
CA GLY A 419 -5.66 -10.40 -14.55
C GLY A 419 -4.82 -10.94 -15.70
N GLN A 420 -4.26 -10.04 -16.51
CA GLN A 420 -3.45 -10.46 -17.65
CA GLN A 420 -3.44 -10.46 -17.65
C GLN A 420 -2.00 -10.78 -17.24
N ALA A 421 -1.67 -10.51 -15.99
CA ALA A 421 -0.36 -10.88 -15.46
C ALA A 421 -0.30 -12.40 -15.26
N TYR A 422 0.86 -12.92 -14.90
CA TYR A 422 0.97 -14.32 -14.51
C TYR A 422 0.59 -14.45 -13.03
N LEU A 423 -0.68 -14.78 -12.79
CA LEU A 423 -1.20 -14.85 -11.41
C LEU A 423 -0.75 -16.11 -10.70
N VAL A 424 -0.39 -15.98 -9.43
CA VAL A 424 0.02 -17.15 -8.66
C VAL A 424 -0.60 -17.16 -7.28
N ASN A 425 -0.86 -18.35 -6.79
CA ASN A 425 -1.12 -18.55 -5.36
C ASN A 425 0.23 -18.76 -4.70
N PRO A 426 0.70 -17.79 -3.91
CA PRO A 426 2.06 -17.91 -3.37
C PRO A 426 2.22 -19.12 -2.44
N HIS A 427 1.13 -19.69 -1.93
CA HIS A 427 1.20 -20.88 -1.07
C HIS A 427 1.37 -22.13 -1.91
N ASN A 428 1.07 -22.02 -3.20
CA ASN A 428 1.26 -23.11 -4.12
C ASN A 428 2.63 -22.94 -4.76
N LEU A 429 3.67 -23.40 -4.05
CA LEU A 429 5.05 -23.19 -4.50
C LEU A 429 5.36 -23.88 -5.84
N ASP A 430 4.80 -25.06 -6.04
CA ASP A 430 4.98 -25.75 -7.33
C ASP A 430 4.55 -24.88 -8.52
N HIS A 431 3.43 -24.18 -8.35
CA HIS A 431 2.89 -23.36 -9.42
C HIS A 431 3.60 -22.02 -9.49
N VAL A 432 4.09 -21.53 -8.35
CA VAL A 432 4.90 -20.33 -8.38
C VAL A 432 6.12 -20.64 -9.25
N LYS A 433 6.73 -21.80 -9.01
CA LYS A 433 7.92 -22.20 -9.78
C LYS A 433 7.60 -22.41 -11.26
N ASP A 434 6.51 -23.12 -11.56
CA ASP A 434 6.09 -23.29 -12.97
C ASP A 434 5.90 -21.93 -13.64
N THR A 435 5.32 -21.01 -12.91
CA THR A 435 4.96 -19.71 -13.45
C THR A 435 6.19 -18.84 -13.71
N MET A 436 7.17 -18.90 -12.81
CA MET A 436 8.40 -18.18 -13.01
C MET A 436 9.13 -18.70 -14.26
N VAL A 437 9.17 -20.01 -14.45
CA VAL A 437 9.75 -20.57 -15.69
C VAL A 437 8.98 -20.10 -16.92
N ALA A 438 7.65 -20.10 -16.83
CA ALA A 438 6.83 -19.69 -17.96
C ALA A 438 7.08 -18.23 -18.35
N ALA A 439 7.12 -17.36 -17.34
CA ALA A 439 7.39 -15.94 -17.55
C ALA A 439 8.80 -15.70 -18.12
N LEU A 440 9.79 -16.44 -17.63
CA LEU A 440 11.16 -16.31 -18.12
C LEU A 440 11.28 -16.74 -19.57
N ASN A 441 10.43 -17.66 -19.98
CA ASN A 441 10.59 -18.28 -21.29
C ASN A 441 9.45 -17.95 -22.25
N GLN A 442 8.63 -16.96 -21.90
CA GLN A 442 7.51 -16.60 -22.74
C GLN A 442 7.99 -16.15 -24.12
N THR A 443 7.15 -16.30 -25.14
CA THR A 443 7.49 -15.75 -26.45
C THR A 443 7.41 -14.23 -26.38
N PRO A 444 8.19 -13.52 -27.23
CA PRO A 444 8.05 -12.06 -27.33
C PRO A 444 6.60 -11.61 -27.53
N GLU A 445 5.88 -12.29 -28.41
CA GLU A 445 4.52 -11.91 -28.75
C GLU A 445 3.57 -12.07 -27.56
N GLU A 446 3.69 -13.19 -26.86
CA GLU A 446 2.78 -13.43 -25.74
C GLU A 446 3.06 -12.43 -24.62
N GLY A 447 4.34 -12.15 -24.40
CA GLY A 447 4.74 -11.12 -23.47
C GLY A 447 4.11 -9.78 -23.81
N ARG A 448 4.17 -9.41 -25.09
CA ARG A 448 3.63 -8.13 -25.51
C ARG A 448 2.12 -8.07 -25.36
N ARG A 449 1.46 -9.17 -25.71
CA ARG A 449 0.01 -9.23 -25.60
C ARG A 449 -0.45 -8.94 -24.17
N ARG A 450 0.21 -9.56 -23.19
CA ARG A 450 -0.14 -9.36 -21.78
C ARG A 450 0.19 -7.93 -21.35
N MET A 451 1.40 -7.47 -21.68
CA MET A 451 1.82 -6.14 -21.23
C MET A 451 0.95 -5.02 -21.84
N ARG A 452 0.50 -5.21 -23.07
CA ARG A 452 -0.38 -4.22 -23.70
C ARG A 452 -1.70 -4.12 -22.95
N ALA A 453 -2.26 -5.29 -22.62
CA ALA A 453 -3.53 -5.34 -21.91
C ALA A 453 -3.39 -4.77 -20.49
N LEU A 454 -2.28 -5.06 -19.84
CA LEU A 454 -2.05 -4.56 -18.50
C LEU A 454 -1.92 -3.05 -18.52
N ARG A 455 -1.24 -2.53 -19.54
CA ARG A 455 -1.02 -1.10 -19.65
C ARG A 455 -2.31 -0.36 -19.95
N ARG A 456 -3.14 -0.92 -20.84
CA ARG A 456 -4.46 -0.33 -21.08
C ARG A 456 -5.22 -0.15 -19.77
N GLN A 457 -5.12 -1.13 -18.89
CA GLN A 457 -5.81 -1.07 -17.59
C GLN A 457 -5.21 0.02 -16.71
N VAL A 458 -3.90 -0.05 -16.52
CA VAL A 458 -3.21 0.82 -15.58
C VAL A 458 -3.23 2.27 -16.06
N LEU A 459 -3.09 2.49 -17.37
CA LEU A 459 -3.14 3.84 -17.90
C LEU A 459 -4.54 4.45 -17.77
N ALA A 460 -5.58 3.63 -17.88
CA ALA A 460 -6.94 4.14 -17.81
C ALA A 460 -7.43 4.30 -16.37
N HIS A 461 -6.84 3.53 -15.46
CA HIS A 461 -7.26 3.57 -14.06
C HIS A 461 -6.10 4.02 -13.19
N ASP A 462 -5.96 5.35 -13.07
CA ASP A 462 -4.83 5.94 -12.36
C ASP A 462 -5.29 6.51 -11.02
N VAL A 463 -4.39 7.19 -10.33
CA VAL A 463 -4.70 7.65 -8.96
C VAL A 463 -5.71 8.79 -9.03
N ASP A 464 -5.72 9.49 -10.15
CA ASP A 464 -6.69 10.56 -10.36
C ASP A 464 -8.13 10.03 -10.41
N LEU A 465 -8.32 8.91 -11.09
CA LEU A 465 -9.64 8.31 -11.17
C LEU A 465 -10.08 7.84 -9.79
N TRP A 466 -9.16 7.21 -9.08
CA TRP A 466 -9.41 6.74 -7.72
C TRP A 466 -9.83 7.88 -6.80
N ALA A 467 -8.98 8.90 -6.71
CA ALA A 467 -9.26 10.06 -5.85
C ALA A 467 -10.60 10.72 -6.18
N ARG A 468 -10.89 10.91 -7.46
CA ARG A 468 -12.13 11.55 -7.87
C ARG A 468 -13.34 10.68 -7.54
N SER A 469 -13.20 9.38 -7.70
CA SER A 469 -14.30 8.46 -7.45
CA SER A 469 -14.30 8.46 -7.45
C SER A 469 -14.67 8.45 -5.96
N PHE A 470 -13.65 8.41 -5.11
CA PHE A 470 -13.88 8.43 -3.68
C PHE A 470 -14.54 9.74 -3.24
N LEU A 471 -14.02 10.85 -3.75
CA LEU A 471 -14.51 12.17 -3.33
C LEU A 471 -15.89 12.48 -3.88
N ASP A 472 -16.21 11.97 -5.08
CA ASP A 472 -17.56 12.10 -5.61
C ASP A 472 -18.54 11.31 -4.74
N ALA A 473 -18.11 10.13 -4.30
CA ALA A 473 -18.95 9.31 -3.42
C ALA A 473 -19.16 10.02 -2.09
N LEU A 474 -18.08 10.58 -1.57
CA LEU A 474 -18.13 11.32 -0.31
C LEU A 474 -19.03 12.55 -0.44
N ALA A 475 -18.92 13.25 -1.56
CA ALA A 475 -19.72 14.45 -1.79
C ALA A 475 -21.22 14.14 -1.86
N SER A 476 -21.55 12.98 -2.41
CA SER A 476 -22.94 12.59 -2.60
C SER A 476 -23.67 12.28 -1.29
N THR A 477 -22.92 12.17 -0.19
CA THR A 477 -23.54 11.90 1.12
C THR A 477 -24.07 13.18 1.76
N ARG A 478 -23.97 14.28 1.03
CA ARG A 478 -24.51 15.56 1.52
C ARG A 478 -25.96 15.75 1.12
PB ADQ B . 2.68 -0.09 1.22
O1B ADQ B . 2.65 -1.60 1.46
O2B ADQ B . 3.87 0.51 1.94
O3B ADQ B . 1.35 0.68 1.77
PA ADQ B . 3.24 -0.48 -1.64
O1A ADQ B . 3.95 -1.81 -1.33
O2A ADQ B . 2.00 -0.67 -2.49
O3A ADQ B . 2.79 0.32 -0.29
O5D ADQ B . 4.27 0.51 -2.36
C5D ADQ B . 5.64 0.58 -1.89
C4D ADQ B . 6.23 1.82 -2.44
O4D ADQ B . 7.44 2.01 -2.03
C3D ADQ B . 6.26 1.76 -4.10
O3D ADQ B . 5.97 3.07 -4.62
C2D ADQ B . 7.45 1.34 -4.38
O2D ADQ B . 7.88 1.83 -5.74
C1D ADQ B . 8.37 1.91 -3.26
N9 ADQ B . 9.38 1.13 -3.02
C8 ADQ B . 9.33 -0.19 -2.68
N7 ADQ B . 10.61 -0.67 -2.51
C5 ADQ B . 11.48 0.36 -2.76
C6 ADQ B . 12.93 0.50 -2.74
N6 ADQ B . 13.80 -0.64 -2.41
N1 ADQ B . 13.50 1.67 -3.02
C2 ADQ B . 12.71 2.76 -3.33
N3 ADQ B . 11.34 2.67 -3.36
C4 ADQ B . 10.71 1.49 -3.07
C1' ADQ B . -0.01 0.38 1.75
C2' ADQ B . -0.47 -1.04 1.44
C3' ADQ B . -0.34 -1.38 0.01
C4' ADQ B . -0.94 -0.33 -0.90
C5' ADQ B . -0.51 1.10 -0.54
C6' ADQ B . -1.33 2.10 -1.31
O2' ADQ B . 0.21 -1.94 2.31
O3' ADQ B . -1.04 -2.63 -0.26
O4' ADQ B . -0.57 -0.58 -2.26
O5' ADQ B . -0.71 1.37 0.87
O6' ADQ B . -2.71 2.03 -0.84
C3' NHE C . -8.94 -17.63 -7.37
C2' NHE C . -8.30 -16.65 -6.43
C1' NHE C . -9.24 -15.82 -5.56
C6' NHE C . -10.58 -15.46 -6.17
N NHE C . -8.59 -14.59 -5.13
C1 NHE C . -7.39 -14.83 -4.36
C2 NHE C . -7.68 -15.28 -2.91
S NHE C . -8.48 -13.98 -1.91
O1 NHE C . -7.73 -12.67 -2.02
O2 NHE C . -9.95 -13.83 -2.31
O3 NHE C . -8.56 -14.44 -0.47
C5' NHE C . -11.01 -16.28 -7.37
C4' NHE C . -10.45 -17.66 -7.35
C1 EDO D . 13.78 -4.47 8.25
O1 EDO D . 14.03 -3.37 7.37
C2 EDO D . 14.20 -4.11 9.68
O2 EDO D . 15.52 -3.54 9.63
C1 EDO E . 16.87 -22.22 0.30
O1 EDO E . 17.40 -22.20 1.62
C2 EDO E . 16.23 -20.86 -0.01
O2 EDO E . 15.17 -20.62 0.92
C1 EDO F . 25.56 -7.18 -3.94
O1 EDO F . 25.05 -7.68 -5.18
C2 EDO F . 24.42 -7.09 -2.95
O2 EDO F . 23.79 -8.37 -2.92
C1 EDO G . 1.07 -7.39 -29.21
O1 EDO G . 0.04 -6.66 -29.88
C2 EDO G . 0.95 -8.87 -29.54
O2 EDO G . -0.34 -9.36 -29.13
C1 EDO H . 2.26 -22.41 -15.69
O1 EDO H . 1.76 -23.53 -14.95
C2 EDO H . 1.29 -21.25 -15.58
O2 EDO H . 1.68 -20.22 -16.48
#